data_4OO3
#
_entry.id   4OO3
#
_cell.length_a   48.437
_cell.length_b   93.510
_cell.length_c   95.787
_cell.angle_alpha   90.000
_cell.angle_beta   90.000
_cell.angle_gamma   90.000
#
_symmetry.space_group_name_H-M   'P 21 21 21'
#
loop_
_entity.id
_entity.type
_entity.pdbx_description
1 polymer 'hypothetical protein'
2 water water
#
_entity_poly.entity_id   1
_entity_poly.type   'polypeptide(L)'
_entity_poly.pdbx_seq_one_letter_code
;GAEGFTGAPGEVKLITLDPGHFHAALVQKVSYPQVSKDVYVYAPTGFDVDEHLKRIQGFNTRAENPTAWNEIVYTGDDYL
EK(MSE)LAEKKGNV(MSE)IQAGNNGKKTEYIKKTLEAGINVLSDKP(MSE)AINSQSFKLLEECFAIAKQKNI(MSE)
LYDI(MSE)TERNEITT(MSE)LQRELSTIPAVYGEQLKGSPEEPAIVKESVHHLFKLVDNKPLTRPVWYLDVNQQGEGI
VDVTTHLVDLVQWEAFPDQIIDYRKDIELIDANRWTTSISPEEFKQVTGTDAYPDFLKKDVENDTLKVYCNGDIVYKIKG
VTAKVSVIWNYTFPKGGGDTHFSV(MSE)KGSKADLVIRQGKEQNYQPELFVEAVKGVDLAAYEKDLTAS(MSE)EKVSA
EYPGVALNKVGDGVWQVEIPAKYRVGHEAHFGQVTEHFLDYLKEGKLPDWEVPN(MSE)LAKYYTTTSALD(MSE)AKAK
TK
;
_entity_poly.pdbx_strand_id   A
#
# COMPACT_ATOMS: atom_id res chain seq x y z
N GLU A 3 14.44 -27.49 10.01
CA GLU A 3 15.17 -26.27 10.46
C GLU A 3 14.45 -25.00 9.99
N GLY A 4 14.65 -23.90 10.72
CA GLY A 4 14.04 -22.62 10.37
C GLY A 4 14.87 -21.87 9.35
N PHE A 5 14.68 -20.56 9.29
CA PHE A 5 15.48 -19.70 8.43
C PHE A 5 16.60 -19.09 9.26
N THR A 6 17.80 -19.00 8.68
CA THR A 6 18.97 -18.41 9.36
C THR A 6 19.69 -17.33 8.55
N GLY A 7 19.28 -17.10 7.31
CA GLY A 7 20.00 -16.22 6.38
C GLY A 7 20.86 -16.97 5.38
N ALA A 8 21.04 -18.28 5.60
CA ALA A 8 21.77 -19.13 4.68
C ALA A 8 21.28 -18.92 3.24
N PRO A 9 22.20 -18.87 2.25
CA PRO A 9 21.79 -18.64 0.86
C PRO A 9 20.90 -19.73 0.28
N GLY A 10 19.91 -19.35 -0.52
CA GLY A 10 19.00 -20.30 -1.16
C GLY A 10 17.98 -20.97 -0.24
N GLU A 11 17.89 -20.51 1.01
CA GLU A 11 16.98 -21.10 2.00
C GLU A 11 15.52 -20.78 1.72
N VAL A 12 15.27 -19.58 1.20
CA VAL A 12 13.91 -19.16 0.86
C VAL A 12 13.59 -19.66 -0.54
N LYS A 13 12.48 -20.39 -0.66
CA LYS A 13 12.05 -20.98 -1.92
C LYS A 13 10.71 -20.43 -2.32
N LEU A 14 10.70 -19.57 -3.34
CA LEU A 14 9.50 -18.82 -3.71
C LEU A 14 8.49 -19.63 -4.53
N ILE A 15 7.22 -19.45 -4.20
CA ILE A 15 6.12 -19.89 -5.02
C ILE A 15 5.39 -18.65 -5.46
N THR A 16 5.10 -18.54 -6.75
CA THR A 16 4.32 -17.42 -7.22
C THR A 16 2.97 -17.95 -7.65
N LEU A 17 1.92 -17.54 -6.93
CA LEU A 17 0.59 -18.09 -7.13
C LEU A 17 -0.33 -17.10 -7.84
N ASP A 18 -0.77 -17.48 -9.02
CA ASP A 18 -1.71 -16.68 -9.82
C ASP A 18 -1.34 -15.20 -9.85
N PRO A 19 -0.13 -14.88 -10.35
CA PRO A 19 0.31 -13.49 -10.40
C PRO A 19 -0.49 -12.71 -11.43
N GLY A 20 -0.93 -11.51 -11.05
CA GLY A 20 -1.71 -10.67 -11.96
C GLY A 20 -1.43 -9.19 -11.83
N HIS A 21 -0.34 -8.86 -11.14
CA HIS A 21 0.11 -7.47 -10.98
C HIS A 21 1.64 -7.45 -11.03
N PHE A 22 2.23 -6.31 -11.40
CA PHE A 22 3.68 -6.11 -11.48
CA PHE A 22 3.68 -6.23 -11.51
C PHE A 22 4.41 -6.47 -10.18
N HIS A 23 3.76 -6.23 -9.05
CA HIS A 23 4.37 -6.49 -7.73
C HIS A 23 4.74 -7.94 -7.49
N ALA A 24 4.00 -8.87 -8.09
CA ALA A 24 4.40 -10.27 -8.07
C ALA A 24 5.83 -10.45 -8.59
N ALA A 25 6.16 -9.72 -9.66
CA ALA A 25 7.51 -9.77 -10.23
C ALA A 25 8.49 -8.89 -9.47
N LEU A 26 8.03 -7.75 -8.98
CA LEU A 26 8.92 -6.78 -8.32
C LEU A 26 9.67 -7.40 -7.15
N VAL A 27 9.07 -8.39 -6.51
CA VAL A 27 9.74 -9.14 -5.45
C VAL A 27 11.07 -9.72 -5.94
N GLN A 28 11.12 -10.10 -7.21
CA GLN A 28 12.28 -10.73 -7.81
C GLN A 28 13.14 -9.77 -8.63
N LYS A 29 12.87 -8.47 -8.51
CA LYS A 29 13.66 -7.43 -9.19
C LYS A 29 15.15 -7.52 -8.86
N VAL A 30 15.47 -7.95 -7.64
CA VAL A 30 16.88 -8.10 -7.25
C VAL A 30 17.14 -9.47 -6.64
N SER A 31 18.40 -9.88 -6.68
CA SER A 31 18.81 -11.23 -6.30
C SER A 31 19.25 -11.31 -4.83
N TYR A 32 18.29 -11.43 -3.92
CA TYR A 32 18.62 -11.60 -2.50
C TYR A 32 19.26 -12.98 -2.30
N PRO A 33 20.45 -13.02 -1.64
CA PRO A 33 21.16 -14.29 -1.47
C PRO A 33 20.31 -15.38 -0.81
N GLN A 34 19.43 -14.99 0.12
CA GLN A 34 18.51 -15.90 0.78
C GLN A 34 17.61 -16.65 -0.20
N VAL A 35 17.31 -16.02 -1.33
CA VAL A 35 16.28 -16.56 -2.22
C VAL A 35 16.88 -17.46 -3.30
N SER A 36 16.45 -18.71 -3.28
CA SER A 36 16.88 -19.71 -4.26
C SER A 36 16.49 -19.24 -5.66
N LYS A 37 17.37 -19.48 -6.63
CA LYS A 37 17.12 -19.08 -8.01
C LYS A 37 15.95 -19.82 -8.65
N ASP A 38 15.63 -21.01 -8.13
CA ASP A 38 14.51 -21.81 -8.64
C ASP A 38 13.23 -21.30 -8.02
N VAL A 39 12.31 -20.87 -8.87
CA VAL A 39 11.05 -20.30 -8.43
C VAL A 39 9.89 -21.08 -9.04
N TYR A 40 8.92 -21.43 -8.21
CA TYR A 40 7.80 -22.26 -8.64
C TYR A 40 6.56 -21.43 -8.89
N VAL A 41 6.11 -21.39 -10.15
CA VAL A 41 4.93 -20.65 -10.55
C VAL A 41 3.75 -21.61 -10.81
N TYR A 42 2.59 -21.29 -10.22
CA TYR A 42 1.34 -22.00 -10.49
C TYR A 42 0.28 -20.97 -10.83
N ALA A 43 -0.37 -21.15 -11.97
CA ALA A 43 -1.32 -20.16 -12.45
C ALA A 43 -2.22 -20.74 -13.51
N PRO A 44 -3.43 -20.17 -13.65
CA PRO A 44 -4.17 -20.52 -14.85
C PRO A 44 -3.43 -19.99 -16.08
N THR A 45 -3.67 -20.62 -17.23
CA THR A 45 -3.10 -20.13 -18.49
C THR A 45 -3.68 -18.75 -18.76
N GLY A 46 -2.96 -17.92 -19.50
CA GLY A 46 -3.51 -16.65 -19.95
C GLY A 46 -2.60 -15.46 -19.82
N PHE A 47 -3.18 -14.29 -20.11
CA PHE A 47 -2.48 -13.02 -20.12
C PHE A 47 -1.69 -12.73 -18.84
N ASP A 48 -2.34 -12.88 -17.68
CA ASP A 48 -1.75 -12.48 -16.41
C ASP A 48 -0.41 -13.17 -16.14
N VAL A 49 -0.36 -14.49 -16.24
CA VAL A 49 0.90 -15.24 -16.02
C VAL A 49 1.94 -14.97 -17.12
N ASP A 50 1.51 -14.84 -18.37
CA ASP A 50 2.43 -14.53 -19.48
C ASP A 50 3.12 -13.19 -19.24
N GLU A 51 2.36 -12.21 -18.78
CA GLU A 51 2.93 -10.91 -18.46
C GLU A 51 3.90 -10.98 -17.29
N HIS A 52 3.56 -11.80 -16.29
CA HIS A 52 4.46 -11.98 -15.16
C HIS A 52 5.78 -12.58 -15.61
N LEU A 53 5.71 -13.63 -16.43
CA LEU A 53 6.91 -14.31 -16.91
C LEU A 53 7.80 -13.40 -17.76
N LYS A 54 7.18 -12.55 -18.59
CA LYS A 54 7.93 -11.51 -19.34
C LYS A 54 8.75 -10.60 -18.44
N ARG A 55 8.15 -10.16 -17.34
CA ARG A 55 8.83 -9.26 -16.41
C ARG A 55 10.05 -9.92 -15.79
N ILE A 56 9.89 -11.17 -15.37
CA ILE A 56 11.01 -11.92 -14.80
C ILE A 56 12.15 -12.07 -15.79
N GLN A 57 11.81 -12.40 -17.04
CA GLN A 57 12.84 -12.62 -18.06
C GLN A 57 13.53 -11.31 -18.43
N GLY A 58 12.80 -10.19 -18.36
CA GLY A 58 13.41 -8.87 -18.48
C GLY A 58 14.45 -8.60 -17.42
N PHE A 59 14.17 -9.01 -16.18
CA PHE A 59 15.16 -8.93 -15.10
C PHE A 59 16.39 -9.81 -15.41
N ASN A 60 16.17 -10.98 -15.98
CA ASN A 60 17.25 -11.92 -16.30
C ASN A 60 18.14 -11.47 -17.47
N THR A 61 17.62 -10.60 -18.33
CA THR A 61 18.32 -10.19 -19.55
C THR A 61 18.77 -8.73 -19.54
N ARG A 62 18.60 -8.04 -18.41
CA ARG A 62 18.94 -6.62 -18.33
C ARG A 62 20.44 -6.43 -18.24
N ALA A 63 20.89 -5.23 -18.60
CA ALA A 63 22.31 -4.94 -18.74
C ALA A 63 23.07 -4.86 -17.41
N GLU A 64 22.48 -4.21 -16.40
CA GLU A 64 23.11 -4.05 -15.09
C GLU A 64 22.61 -5.10 -14.11
N ASN A 65 23.54 -5.87 -13.55
CA ASN A 65 23.22 -6.87 -12.52
C ASN A 65 22.00 -7.69 -12.87
N PRO A 66 22.04 -8.40 -14.00
CA PRO A 66 20.88 -9.22 -14.36
C PRO A 66 20.65 -10.27 -13.30
N THR A 67 19.38 -10.63 -13.11
CA THR A 67 19.03 -11.70 -12.21
C THR A 67 19.22 -13.01 -12.96
N ALA A 68 19.09 -14.14 -12.25
CA ALA A 68 19.25 -15.46 -12.84
C ALA A 68 18.14 -16.40 -12.35
N TRP A 69 16.88 -15.94 -12.43
CA TRP A 69 15.76 -16.74 -11.95
C TRP A 69 15.45 -17.88 -12.90
N ASN A 70 15.20 -19.05 -12.32
CA ASN A 70 14.73 -20.21 -13.07
C ASN A 70 13.26 -20.45 -12.75
N GLU A 71 12.39 -20.03 -13.66
CA GLU A 71 10.96 -20.13 -13.44
C GLU A 71 10.45 -21.49 -13.86
N ILE A 72 10.14 -22.33 -12.87
CA ILE A 72 9.57 -23.65 -13.11
C ILE A 72 8.06 -23.49 -13.08
N VAL A 73 7.46 -23.49 -14.27
CA VAL A 73 6.07 -23.04 -14.43
C VAL A 73 5.10 -24.20 -14.57
N TYR A 74 3.95 -24.07 -13.89
CA TYR A 74 2.81 -24.94 -14.11
C TYR A 74 1.58 -24.09 -14.39
N THR A 75 0.98 -24.29 -15.56
CA THR A 75 -0.28 -23.63 -15.86
C THR A 75 -1.36 -24.67 -16.13
N GLY A 76 -2.55 -24.42 -15.58
CA GLY A 76 -3.68 -25.33 -15.71
C GLY A 76 -4.81 -24.89 -14.79
N ASP A 77 -6.01 -25.39 -15.04
CA ASP A 77 -7.17 -25.09 -14.17
C ASP A 77 -6.92 -25.48 -12.72
N ASP A 78 -6.15 -26.54 -12.52
CA ASP A 78 -5.90 -27.08 -11.18
C ASP A 78 -4.61 -26.52 -10.55
N TYR A 79 -4.24 -25.29 -10.91
CA TYR A 79 -2.98 -24.68 -10.43
C TYR A 79 -2.85 -24.69 -8.90
N LEU A 80 -3.92 -24.32 -8.18
CA LEU A 80 -3.89 -24.25 -6.71
C LEU A 80 -3.76 -25.64 -6.12
N GLU A 81 -4.59 -26.55 -6.60
CA GLU A 81 -4.55 -27.95 -6.21
C GLU A 81 -3.13 -28.55 -6.40
N LYS A 82 -2.48 -28.22 -7.51
CA LYS A 82 -1.11 -28.72 -7.79
C LYS A 82 -0.06 -28.12 -6.86
N MSE A 83 -0.16 -26.81 -6.62
CA MSE A 83 0.76 -26.13 -5.72
C MSE A 83 0.72 -26.75 -4.35
O MSE A 83 1.76 -27.04 -3.75
CB MSE A 83 0.37 -24.66 -5.61
CG MSE A 83 1.49 -23.84 -4.97
SE MSE A 83 1.00 -23.48 -3.09
CE MSE A 83 0.24 -21.73 -3.56
N LEU A 84 -0.49 -26.95 -3.83
CA LEU A 84 -0.66 -27.50 -2.49
C LEU A 84 -0.16 -28.93 -2.42
N ALA A 85 -0.36 -29.68 -3.50
CA ALA A 85 0.06 -31.08 -3.58
C ALA A 85 1.57 -31.23 -3.63
N GLU A 86 2.22 -30.36 -4.40
CA GLU A 86 3.66 -30.48 -4.63
C GLU A 86 4.47 -29.87 -3.51
N LYS A 87 3.93 -28.86 -2.83
CA LYS A 87 4.62 -28.13 -1.75
C LYS A 87 6.12 -27.94 -2.04
N LYS A 88 6.43 -27.29 -3.16
CA LYS A 88 7.82 -27.16 -3.60
C LYS A 88 8.54 -25.94 -3.04
N GLY A 89 7.79 -25.05 -2.39
CA GLY A 89 8.37 -23.82 -1.82
C GLY A 89 7.94 -23.58 -0.39
N ASN A 90 8.56 -22.60 0.25
CA ASN A 90 8.27 -22.25 1.64
C ASN A 90 7.86 -20.78 1.86
N VAL A 91 7.83 -19.99 0.78
CA VAL A 91 7.24 -18.65 0.83
C VAL A 91 6.44 -18.41 -0.44
N MSE A 92 5.16 -18.04 -0.28
CA MSE A 92 4.27 -17.80 -1.39
C MSE A 92 4.10 -16.31 -1.59
O MSE A 92 3.85 -15.58 -0.63
CB MSE A 92 2.92 -18.44 -1.10
CG MSE A 92 2.00 -18.48 -2.32
SE MSE A 92 0.89 -16.85 -2.39
CE MSE A 92 -0.45 -17.43 -1.09
N ILE A 93 4.19 -15.87 -2.84
CA ILE A 93 4.02 -14.48 -3.20
C ILE A 93 2.67 -14.28 -3.89
N GLN A 94 1.79 -13.49 -3.29
CA GLN A 94 0.46 -13.25 -3.87
C GLN A 94 0.26 -11.78 -4.27
N ALA A 95 0.17 -11.54 -5.56
CA ALA A 95 -0.17 -10.21 -6.08
C ALA A 95 -0.95 -10.36 -7.38
N GLY A 96 -2.22 -9.97 -7.34
CA GLY A 96 -3.07 -10.01 -8.51
C GLY A 96 -4.52 -9.92 -8.15
N ASN A 97 -5.27 -10.97 -8.49
CA ASN A 97 -6.70 -10.98 -8.28
C ASN A 97 -7.07 -10.99 -6.80
N ASN A 98 -7.61 -9.89 -6.32
CA ASN A 98 -7.88 -9.69 -4.90
C ASN A 98 -9.14 -10.38 -4.41
N GLY A 99 -10.03 -10.75 -5.32
CA GLY A 99 -11.24 -11.50 -4.97
C GLY A 99 -10.89 -12.91 -4.54
N LYS A 100 -9.97 -13.53 -5.27
CA LYS A 100 -9.44 -14.85 -4.97
C LYS A 100 -8.40 -14.90 -3.83
N LYS A 101 -7.81 -13.76 -3.50
CA LYS A 101 -6.58 -13.72 -2.70
C LYS A 101 -6.70 -14.35 -1.32
N THR A 102 -7.74 -14.01 -0.57
CA THR A 102 -7.82 -14.40 0.83
C THR A 102 -7.94 -15.92 0.97
N GLU A 103 -8.73 -16.54 0.11
CA GLU A 103 -8.85 -18.01 0.09
C GLU A 103 -7.50 -18.66 -0.23
N TYR A 104 -6.83 -18.16 -1.26
CA TYR A 104 -5.47 -18.60 -1.58
C TYR A 104 -4.58 -18.54 -0.34
N ILE A 105 -4.61 -17.40 0.34
CA ILE A 105 -3.77 -17.18 1.51
C ILE A 105 -4.05 -18.22 2.60
N LYS A 106 -5.33 -18.45 2.89
CA LYS A 106 -5.69 -19.40 3.93
C LYS A 106 -5.14 -20.82 3.66
N LYS A 107 -5.36 -21.31 2.45
CA LYS A 107 -4.96 -22.67 2.09
C LYS A 107 -3.45 -22.84 2.09
N THR A 108 -2.75 -21.77 1.73
CA THR A 108 -1.29 -21.79 1.72
C THR A 108 -0.73 -21.87 3.14
N LEU A 109 -1.30 -21.09 4.05
CA LEU A 109 -0.85 -21.10 5.45
C LEU A 109 -1.12 -22.45 6.12
N GLU A 110 -2.30 -23.02 5.88
CA GLU A 110 -2.62 -24.40 6.32
C GLU A 110 -1.55 -25.39 5.90
N ALA A 111 -0.95 -25.18 4.73
CA ALA A 111 0.09 -26.08 4.23
C ALA A 111 1.47 -25.78 4.80
N GLY A 112 1.55 -24.84 5.73
CA GLY A 112 2.81 -24.52 6.42
C GLY A 112 3.72 -23.63 5.61
N ILE A 113 3.16 -22.92 4.64
CA ILE A 113 3.91 -22.04 3.73
C ILE A 113 3.72 -20.57 4.11
N ASN A 114 4.83 -19.86 4.33
CA ASN A 114 4.79 -18.43 4.69
C ASN A 114 4.23 -17.63 3.53
N VAL A 115 3.69 -16.44 3.80
CA VAL A 115 3.04 -15.65 2.75
C VAL A 115 3.40 -14.16 2.80
N LEU A 116 3.90 -13.66 1.68
CA LEU A 116 4.02 -12.22 1.46
C LEU A 116 2.97 -11.85 0.41
N SER A 117 1.98 -11.05 0.80
CA SER A 117 0.94 -10.65 -0.12
C SER A 117 0.95 -9.15 -0.28
N ASP A 118 0.73 -8.70 -1.52
CA ASP A 118 0.40 -7.30 -1.75
C ASP A 118 -0.93 -6.99 -1.06
N LYS A 119 -1.16 -5.71 -0.79
CA LYS A 119 -2.47 -5.25 -0.37
C LYS A 119 -3.48 -5.32 -1.53
N PRO A 120 -4.79 -5.36 -1.22
CA PRO A 120 -5.41 -5.59 0.08
C PRO A 120 -5.64 -7.08 0.30
N MSE A 121 -5.31 -7.56 1.50
CA MSE A 121 -5.50 -8.97 1.87
C MSE A 121 -6.94 -9.31 2.18
O MSE A 121 -7.27 -10.48 2.32
CB MSE A 121 -4.61 -9.32 3.07
CG MSE A 121 -3.14 -9.20 2.66
SE MSE A 121 -2.00 -10.23 3.90
CE MSE A 121 -2.27 -9.08 5.46
N ALA A 122 -7.80 -8.30 2.29
CA ALA A 122 -9.24 -8.51 2.36
C ALA A 122 -9.96 -7.33 1.73
N ILE A 123 -11.05 -7.61 1.00
CA ILE A 123 -11.82 -6.59 0.26
C ILE A 123 -13.28 -6.43 0.72
N ASN A 124 -13.65 -7.15 1.77
CA ASN A 124 -14.97 -7.04 2.39
C ASN A 124 -15.00 -7.76 3.74
N SER A 125 -16.11 -7.62 4.46
CA SER A 125 -16.23 -8.19 5.79
C SER A 125 -16.13 -9.69 5.83
N GLN A 126 -16.68 -10.35 4.82
CA GLN A 126 -16.57 -11.80 4.71
C GLN A 126 -15.11 -12.20 4.61
N SER A 127 -14.37 -11.58 3.69
CA SER A 127 -12.95 -11.87 3.53
C SER A 127 -12.12 -11.43 4.74
N PHE A 128 -12.54 -10.37 5.43
CA PHE A 128 -11.87 -9.96 6.67
C PHE A 128 -11.94 -11.04 7.75
N LYS A 129 -13.11 -11.67 7.89
CA LYS A 129 -13.29 -12.78 8.82
C LYS A 129 -12.32 -13.91 8.46
N LEU A 130 -12.24 -14.21 7.16
CA LEU A 130 -11.31 -15.23 6.67
C LEU A 130 -9.84 -14.84 6.96
N LEU A 131 -9.53 -13.54 6.88
CA LEU A 131 -8.17 -13.06 7.11
C LEU A 131 -7.79 -13.18 8.57
N GLU A 132 -8.76 -13.03 9.47
CA GLU A 132 -8.53 -13.28 10.89
C GLU A 132 -8.14 -14.74 11.14
N GLU A 133 -8.83 -15.67 10.48
CA GLU A 133 -8.48 -17.09 10.59
C GLU A 133 -7.04 -17.33 10.07
N CYS A 134 -6.71 -16.71 8.93
CA CYS A 134 -5.35 -16.77 8.36
C CYS A 134 -4.29 -16.39 9.39
N PHE A 135 -4.52 -15.29 10.09
CA PHE A 135 -3.57 -14.87 11.13
C PHE A 135 -3.53 -15.86 12.30
N ALA A 136 -4.68 -16.45 12.62
CA ALA A 136 -4.74 -17.49 13.67
C ALA A 136 -3.96 -18.73 13.25
N ILE A 137 -4.13 -19.14 11.98
CA ILE A 137 -3.39 -20.29 11.46
C ILE A 137 -1.89 -20.01 11.42
N ALA A 138 -1.51 -18.82 10.96
CA ALA A 138 -0.11 -18.43 10.94
C ALA A 138 0.52 -18.56 12.33
N LYS A 139 -0.17 -18.02 13.33
CA LYS A 139 0.26 -18.07 14.74
C LYS A 139 0.37 -19.51 15.24
N GLN A 140 -0.69 -20.29 15.04
CA GLN A 140 -0.74 -21.71 15.41
C GLN A 140 0.42 -22.51 14.78
N LYS A 141 0.82 -22.16 13.57
CA LYS A 141 1.88 -22.89 12.85
C LYS A 141 3.24 -22.22 12.87
N ASN A 142 3.39 -21.13 13.60
CA ASN A 142 4.65 -20.38 13.62
C ASN A 142 5.18 -20.06 12.23
N ILE A 143 4.28 -19.57 11.38
CA ILE A 143 4.65 -19.03 10.07
C ILE A 143 4.17 -17.58 9.99
N MSE A 144 4.64 -16.87 8.98
CA MSE A 144 4.35 -15.46 8.86
C MSE A 144 3.42 -15.19 7.72
O MSE A 144 3.51 -15.80 6.67
CB MSE A 144 5.65 -14.72 8.59
CG MSE A 144 6.23 -14.18 9.89
SE MSE A 144 7.99 -13.40 9.49
CE MSE A 144 7.33 -12.12 8.16
N LEU A 145 2.50 -14.26 7.98
CA LEU A 145 1.68 -13.64 6.94
C LEU A 145 1.99 -12.15 6.99
N TYR A 146 2.34 -11.57 5.85
CA TYR A 146 2.74 -10.15 5.80
C TYR A 146 2.23 -9.50 4.53
N ASP A 147 1.84 -8.22 4.62
CA ASP A 147 1.55 -7.46 3.41
C ASP A 147 2.60 -6.38 3.14
N ILE A 148 2.41 -5.64 2.06
CA ILE A 148 3.43 -4.77 1.52
C ILE A 148 3.02 -3.30 1.62
N MSE A 149 3.39 -2.67 2.74
CA MSE A 149 3.13 -1.25 2.99
C MSE A 149 4.34 -0.44 2.59
O MSE A 149 5.20 -0.12 3.41
CB MSE A 149 2.81 -1.03 4.47
CG MSE A 149 1.57 -1.80 4.93
SE MSE A 149 -0.05 -1.05 4.11
CE MSE A 149 -0.42 -2.43 2.78
N THR A 150 4.41 -0.08 1.31
CA THR A 150 5.56 0.64 0.77
C THR A 150 5.74 2.09 1.28
N GLU A 151 4.63 2.76 1.58
CA GLU A 151 4.65 4.19 1.86
C GLU A 151 5.28 4.55 3.21
N ARG A 152 5.45 3.54 4.06
CA ARG A 152 6.22 3.68 5.28
C ARG A 152 7.67 4.07 5.01
N ASN A 153 8.16 3.72 3.83
CA ASN A 153 9.57 3.91 3.49
C ASN A 153 9.83 5.18 2.71
N GLU A 154 8.75 5.87 2.33
CA GLU A 154 8.84 7.12 1.59
C GLU A 154 9.26 8.24 2.54
N ILE A 155 10.13 9.11 2.06
CA ILE A 155 10.86 10.06 2.91
C ILE A 155 10.00 11.08 3.66
N THR A 156 9.02 11.71 2.98
CA THR A 156 8.15 12.69 3.65
C THR A 156 7.35 12.03 4.76
N THR A 157 6.87 10.81 4.51
CA THR A 157 6.17 10.04 5.52
C THR A 157 7.06 9.79 6.74
N MSE A 158 8.31 9.41 6.51
CA MSE A 158 9.23 9.12 7.60
C MSE A 158 9.51 10.35 8.40
O MSE A 158 9.65 10.29 9.62
CB MSE A 158 10.55 8.53 7.10
CG MSE A 158 10.33 7.13 6.56
SE MSE A 158 11.98 6.44 5.73
CE MSE A 158 12.87 5.90 7.39
N LEU A 159 9.58 11.51 7.74
CA LEU A 159 9.86 12.76 8.44
C LEU A 159 8.64 13.25 9.22
N GLN A 160 7.46 12.97 8.68
CA GLN A 160 6.20 13.31 9.34
C GLN A 160 6.11 12.55 10.67
N ARG A 161 6.32 11.23 10.60
CA ARG A 161 6.37 10.38 11.80
C ARG A 161 7.38 10.93 12.83
N GLU A 162 8.58 11.26 12.36
CA GLU A 162 9.64 11.74 13.25
C GLU A 162 9.28 13.04 13.93
N LEU A 163 8.82 14.01 13.14
CA LEU A 163 8.46 15.33 13.65
C LEU A 163 7.28 15.29 14.63
N SER A 164 6.33 14.38 14.38
CA SER A 164 5.14 14.27 15.21
C SER A 164 5.46 13.74 16.61
N THR A 165 6.58 13.02 16.74
CA THR A 165 7.05 12.52 18.04
C THR A 165 7.91 13.51 18.82
N ILE A 166 8.12 14.71 18.28
CA ILE A 166 8.91 15.75 18.96
C ILE A 166 7.98 16.83 19.52
N PRO A 167 7.69 16.77 20.83
CA PRO A 167 6.73 17.70 21.45
C PRO A 167 7.03 19.19 21.22
N ALA A 168 8.31 19.55 21.19
CA ALA A 168 8.73 20.92 20.91
C ALA A 168 8.25 21.39 19.54
N VAL A 169 8.19 20.46 18.59
CA VAL A 169 7.75 20.76 17.22
C VAL A 169 6.23 20.64 17.06
N TYR A 170 5.68 19.48 17.41
CA TYR A 170 4.29 19.12 17.10
C TYR A 170 3.30 19.44 18.22
N GLY A 171 3.76 19.30 19.45
CA GLY A 171 2.90 19.38 20.61
C GLY A 171 2.26 18.02 20.82
N GLU A 172 1.02 18.03 21.30
CA GLU A 172 0.27 16.81 21.54
C GLU A 172 -0.59 16.57 20.30
N GLN A 173 -0.96 15.31 20.06
CA GLN A 173 -1.84 14.98 18.94
C GLN A 173 -3.28 15.41 19.28
N LEU A 174 -3.85 16.27 18.44
CA LEU A 174 -5.23 16.70 18.66
C LEU A 174 -6.18 15.60 18.24
N LYS A 175 -7.38 15.61 18.81
CA LYS A 175 -8.39 14.59 18.54
C LYS A 175 -9.28 14.99 17.37
N GLY A 176 -9.52 16.29 17.23
CA GLY A 176 -10.40 16.78 16.18
C GLY A 176 -11.81 16.23 16.36
N SER A 177 -12.57 16.23 15.29
CA SER A 177 -13.96 15.79 15.34
C SER A 177 -14.42 15.43 13.93
N PRO A 178 -15.53 14.66 13.82
CA PRO A 178 -16.07 14.34 12.50
C PRO A 178 -16.19 15.57 11.58
N GLU A 179 -16.56 16.71 12.16
CA GLU A 179 -16.73 17.95 11.40
C GLU A 179 -15.39 18.54 10.97
N GLU A 180 -14.37 18.40 11.82
CA GLU A 180 -13.01 18.80 11.45
C GLU A 180 -11.95 17.79 11.95
N PRO A 181 -11.69 16.75 11.14
CA PRO A 181 -10.74 15.71 11.51
C PRO A 181 -9.35 16.24 11.80
N ALA A 182 -8.65 15.59 12.73
CA ALA A 182 -7.29 15.96 13.10
C ALA A 182 -6.25 15.36 12.17
N ILE A 183 -6.64 14.30 11.45
CA ILE A 183 -5.77 13.67 10.48
C ILE A 183 -6.57 13.53 9.19
N VAL A 184 -5.99 13.97 8.07
CA VAL A 184 -6.67 13.99 6.78
C VAL A 184 -5.67 13.57 5.70
N LYS A 185 -6.02 12.55 4.90
CA LYS A 185 -5.20 12.09 3.75
C LYS A 185 -6.05 11.86 2.50
N GLU A 186 -5.71 12.57 1.43
CA GLU A 186 -6.51 12.54 0.21
C GLU A 186 -5.58 12.31 -0.98
N SER A 187 -5.87 11.27 -1.76
CA SER A 187 -5.07 10.92 -2.92
C SER A 187 -5.94 10.91 -4.17
N VAL A 188 -5.35 11.37 -5.28
CA VAL A 188 -5.94 11.24 -6.60
C VAL A 188 -4.96 10.44 -7.46
N HIS A 189 -5.37 9.23 -7.86
CA HIS A 189 -4.58 8.35 -8.72
C HIS A 189 -5.22 8.26 -10.08
N HIS A 190 -4.50 7.67 -11.03
CA HIS A 190 -4.95 7.59 -12.42
C HIS A 190 -4.80 6.20 -13.03
N LEU A 191 -5.83 5.76 -13.76
CA LEU A 191 -5.90 4.39 -14.26
C LEU A 191 -4.94 4.19 -15.42
N PHE A 192 -4.85 5.19 -16.29
CA PHE A 192 -4.02 5.12 -17.48
C PHE A 192 -2.87 6.11 -17.43
N LYS A 193 -1.64 5.60 -17.58
CA LYS A 193 -0.44 6.42 -17.62
C LYS A 193 0.53 5.90 -18.68
N LEU A 194 1.35 6.81 -19.24
CA LEU A 194 2.40 6.43 -20.20
C LEU A 194 3.75 6.21 -19.48
N VAL A 195 4.55 5.30 -20.02
CA VAL A 195 5.90 5.03 -19.50
C VAL A 195 6.88 4.83 -20.66
N ASP A 196 7.67 5.87 -20.96
CA ASP A 196 8.56 5.91 -22.11
C ASP A 196 7.74 5.86 -23.42
N ASN A 197 6.66 6.64 -23.46
CA ASN A 197 5.71 6.64 -24.58
C ASN A 197 5.10 5.26 -24.91
N LYS A 198 5.03 4.39 -23.88
CA LYS A 198 4.49 3.05 -24.00
C LYS A 198 3.35 2.87 -22.98
N PRO A 199 2.11 2.63 -23.44
CA PRO A 199 0.95 2.54 -22.54
C PRO A 199 1.13 1.52 -21.40
N LEU A 200 0.72 1.90 -20.18
CA LEU A 200 0.69 0.98 -19.04
C LEU A 200 -0.67 0.30 -19.01
N THR A 201 -0.69 -1.00 -19.26
CA THR A 201 -1.92 -1.78 -19.37
C THR A 201 -2.30 -2.41 -18.04
N ARG A 202 -3.61 -2.53 -17.79
CA ARG A 202 -4.13 -3.24 -16.63
C ARG A 202 -4.98 -4.43 -17.06
N PRO A 203 -5.02 -5.51 -16.25
CA PRO A 203 -5.90 -6.62 -16.57
C PRO A 203 -7.36 -6.18 -16.64
N VAL A 204 -8.16 -6.86 -17.46
CA VAL A 204 -9.58 -6.54 -17.60
C VAL A 204 -10.32 -6.52 -16.26
N TRP A 205 -9.96 -7.44 -15.37
CA TRP A 205 -10.66 -7.59 -14.08
C TRP A 205 -10.30 -6.50 -13.08
N TYR A 206 -9.28 -5.68 -13.38
CA TYR A 206 -8.92 -4.56 -12.52
C TYR A 206 -10.10 -3.61 -12.34
N LEU A 207 -10.92 -3.47 -13.37
CA LEU A 207 -12.06 -2.58 -13.33
C LEU A 207 -13.34 -3.25 -12.82
N ASP A 208 -13.22 -4.54 -12.47
CA ASP A 208 -14.30 -5.28 -11.78
C ASP A 208 -14.02 -5.21 -10.28
N VAL A 209 -14.82 -4.43 -9.57
CA VAL A 209 -14.62 -4.23 -8.13
C VAL A 209 -14.83 -5.50 -7.29
N ASN A 210 -15.44 -6.53 -7.88
CA ASN A 210 -15.55 -7.83 -7.22
C ASN A 210 -14.23 -8.59 -7.19
N GLN A 211 -13.34 -8.26 -8.12
CA GLN A 211 -12.08 -8.96 -8.24
C GLN A 211 -10.90 -8.11 -7.79
N GLN A 212 -10.94 -6.82 -8.09
CA GLN A 212 -9.91 -5.90 -7.66
C GLN A 212 -10.17 -5.41 -6.24
N GLY A 213 -11.44 -5.34 -5.86
CA GLY A 213 -11.86 -4.64 -4.65
C GLY A 213 -12.34 -3.24 -4.99
N GLU A 214 -13.20 -2.68 -4.15
CA GLU A 214 -13.68 -1.32 -4.37
C GLU A 214 -12.59 -0.32 -4.05
N GLY A 215 -12.72 0.90 -4.58
CA GLY A 215 -11.75 1.95 -4.28
C GLY A 215 -11.55 2.17 -2.78
N ILE A 216 -12.65 2.08 -2.04
CA ILE A 216 -12.66 2.33 -0.61
C ILE A 216 -11.88 1.28 0.22
N VAL A 217 -11.54 0.13 -0.37
CA VAL A 217 -10.80 -0.92 0.37
C VAL A 217 -9.40 -1.19 -0.18
N ASP A 218 -9.03 -0.50 -1.25
CA ASP A 218 -7.82 -0.79 -2.01
C ASP A 218 -6.69 0.16 -1.60
N VAL A 219 -6.55 1.31 -2.25
CA VAL A 219 -5.49 2.26 -1.92
C VAL A 219 -5.64 2.81 -0.51
N THR A 220 -6.87 2.85 0.02
CA THR A 220 -7.11 3.30 1.40
C THR A 220 -6.32 2.48 2.41
N THR A 221 -6.05 1.22 2.08
CA THR A 221 -5.18 0.38 2.89
C THR A 221 -3.91 1.14 3.26
N HIS A 222 -3.21 1.66 2.26
CA HIS A 222 -2.02 2.48 2.49
C HIS A 222 -2.29 3.66 3.43
N LEU A 223 -3.41 4.35 3.21
CA LEU A 223 -3.66 5.60 3.95
C LEU A 223 -4.01 5.28 5.40
N VAL A 224 -4.84 4.27 5.60
CA VAL A 224 -5.21 3.83 6.94
C VAL A 224 -3.97 3.36 7.71
N ASP A 225 -3.10 2.63 7.01
CA ASP A 225 -1.83 2.18 7.59
C ASP A 225 -0.96 3.36 7.98
N LEU A 226 -0.92 4.39 7.14
CA LEU A 226 -0.13 5.56 7.46
C LEU A 226 -0.63 6.27 8.70
N VAL A 227 -1.94 6.43 8.88
CA VAL A 227 -2.43 7.15 10.07
C VAL A 227 -2.05 6.40 11.35
N GLN A 228 -2.14 5.06 11.33
CA GLN A 228 -1.64 4.23 12.44
C GLN A 228 -0.14 4.39 12.64
N TRP A 229 0.62 4.26 11.56
CA TRP A 229 2.08 4.20 11.62
C TRP A 229 2.73 5.55 11.92
N GLU A 230 2.21 6.62 11.33
CA GLU A 230 2.74 7.97 11.60
C GLU A 230 2.26 8.54 12.93
N ALA A 231 0.97 8.38 13.21
CA ALA A 231 0.34 9.12 14.31
C ALA A 231 0.27 8.34 15.61
N PHE A 232 0.47 7.02 15.54
CA PHE A 232 0.52 6.16 16.72
C PHE A 232 1.70 5.19 16.64
N PRO A 233 2.93 5.72 16.52
CA PRO A 233 4.09 4.86 16.22
C PRO A 233 4.22 3.69 17.19
N ASP A 234 4.29 2.47 16.65
CA ASP A 234 4.54 1.26 17.44
C ASP A 234 3.50 0.96 18.52
N GLN A 235 2.37 1.67 18.52
CA GLN A 235 1.27 1.36 19.43
C GLN A 235 0.40 0.27 18.84
N ILE A 236 0.05 -0.73 19.66
CA ILE A 236 -0.80 -1.83 19.26
C ILE A 236 -2.24 -1.32 19.20
N ILE A 237 -2.88 -1.40 18.04
CA ILE A 237 -4.26 -0.97 17.90
C ILE A 237 -5.17 -2.19 18.05
N ASP A 238 -6.08 -2.13 19.03
CA ASP A 238 -7.09 -3.18 19.23
C ASP A 238 -8.33 -2.74 18.48
N TYR A 239 -8.63 -3.40 17.37
CA TYR A 239 -9.70 -2.94 16.49
C TYR A 239 -11.08 -3.10 17.14
N ARG A 240 -11.19 -4.01 18.11
CA ARG A 240 -12.42 -4.19 18.86
C ARG A 240 -12.74 -3.00 19.78
N LYS A 241 -11.71 -2.25 20.18
CA LYS A 241 -11.87 -1.17 21.15
C LYS A 241 -11.51 0.22 20.65
N ASP A 242 -10.60 0.30 19.68
CA ASP A 242 -9.98 1.59 19.34
C ASP A 242 -10.55 2.24 18.08
N ILE A 243 -11.35 1.50 17.31
CA ILE A 243 -11.82 1.99 16.03
C ILE A 243 -13.34 2.12 16.03
N GLU A 244 -13.80 3.32 15.69
CA GLU A 244 -15.20 3.61 15.52
C GLU A 244 -15.37 4.28 14.17
N LEU A 245 -16.14 3.67 13.27
CA LEU A 245 -16.40 4.31 11.99
C LEU A 245 -17.48 5.36 12.15
N ILE A 246 -17.26 6.50 11.51
CA ILE A 246 -18.14 7.64 11.61
C ILE A 246 -18.90 7.83 10.30
N ASP A 247 -18.20 7.84 9.18
CA ASP A 247 -18.84 8.06 7.89
C ASP A 247 -18.05 7.42 6.76
N ALA A 248 -18.74 7.06 5.69
CA ALA A 248 -18.08 6.46 4.54
C ALA A 248 -18.91 6.66 3.28
N ASN A 249 -18.22 6.92 2.16
CA ASN A 249 -18.85 7.07 0.87
C ASN A 249 -18.10 6.32 -0.21
N ARG A 250 -18.83 5.91 -1.24
CA ARG A 250 -18.26 5.26 -2.40
C ARG A 250 -18.94 5.83 -3.64
N TRP A 251 -18.17 6.04 -4.71
CA TRP A 251 -18.73 6.57 -5.93
C TRP A 251 -17.91 6.12 -7.13
N THR A 252 -18.42 6.42 -8.32
CA THR A 252 -17.92 5.82 -9.54
C THR A 252 -17.06 6.75 -10.39
N THR A 253 -16.25 6.13 -11.24
CA THR A 253 -15.57 6.83 -12.32
C THR A 253 -16.10 6.21 -13.61
N SER A 254 -16.57 7.06 -14.52
CA SER A 254 -17.10 6.59 -15.80
C SER A 254 -15.96 6.29 -16.74
N ILE A 255 -16.05 5.18 -17.47
CA ILE A 255 -15.08 4.84 -18.48
C ILE A 255 -15.80 4.62 -19.81
N SER A 256 -15.35 5.33 -20.85
CA SER A 256 -15.89 5.14 -22.20
C SER A 256 -15.31 3.86 -22.81
N PRO A 257 -15.95 3.33 -23.86
CA PRO A 257 -15.43 2.14 -24.55
C PRO A 257 -14.00 2.31 -25.05
N GLU A 258 -13.65 3.52 -25.46
CA GLU A 258 -12.35 3.82 -26.00
C GLU A 258 -11.32 3.80 -24.89
N GLU A 259 -11.65 4.47 -23.79
CA GLU A 259 -10.80 4.50 -22.61
C GLU A 259 -10.57 3.08 -22.09
N PHE A 260 -11.63 2.27 -22.05
CA PHE A 260 -11.52 0.87 -21.65
C PHE A 260 -10.53 0.12 -22.55
N LYS A 261 -10.72 0.22 -23.86
CA LYS A 261 -9.82 -0.40 -24.82
C LYS A 261 -8.37 0.00 -24.56
N GLN A 262 -8.13 1.29 -24.40
CA GLN A 262 -6.78 1.80 -24.25
C GLN A 262 -6.10 1.29 -22.97
N VAL A 263 -6.77 1.39 -21.83
CA VAL A 263 -6.18 0.97 -20.54
C VAL A 263 -6.04 -0.55 -20.37
N THR A 264 -6.93 -1.33 -21.00
CA THR A 264 -6.89 -2.79 -20.87
C THR A 264 -6.33 -3.52 -22.09
N GLY A 265 -6.55 -2.98 -23.28
CA GLY A 265 -6.20 -3.67 -24.52
C GLY A 265 -7.38 -4.45 -25.08
N THR A 266 -8.28 -4.90 -24.20
CA THR A 266 -9.45 -5.66 -24.59
C THR A 266 -10.53 -4.77 -25.18
N ASP A 267 -11.34 -5.35 -26.05
CA ASP A 267 -12.47 -4.66 -26.66
C ASP A 267 -13.62 -4.52 -25.65
N ALA A 268 -14.31 -3.38 -25.70
CA ALA A 268 -15.33 -3.04 -24.71
C ALA A 268 -16.65 -3.77 -24.99
N TYR A 269 -17.16 -4.61 -24.07
CA TYR A 269 -16.60 -4.90 -22.75
C TYR A 269 -16.63 -6.41 -22.51
N PRO A 270 -15.76 -6.94 -21.63
CA PRO A 270 -15.89 -8.33 -21.22
C PRO A 270 -17.24 -8.62 -20.60
N ASP A 271 -17.63 -9.88 -20.66
CA ASP A 271 -18.94 -10.32 -20.24
C ASP A 271 -19.22 -10.05 -18.76
N PHE A 272 -18.22 -10.29 -17.93
CA PHE A 272 -18.34 -10.15 -16.48
C PHE A 272 -18.39 -8.70 -15.98
N LEU A 273 -18.23 -7.73 -16.88
CA LEU A 273 -18.30 -6.31 -16.52
C LEU A 273 -19.64 -5.66 -16.89
N LYS A 274 -20.49 -6.39 -17.62
CA LYS A 274 -21.74 -5.83 -18.14
C LYS A 274 -22.72 -5.41 -17.05
N LYS A 275 -22.61 -6.01 -15.88
CA LYS A 275 -23.37 -5.55 -14.71
C LYS A 275 -23.10 -4.08 -14.36
N ASP A 276 -21.90 -3.59 -14.69
CA ASP A 276 -21.46 -2.22 -14.38
C ASP A 276 -21.57 -1.25 -15.55
N VAL A 277 -21.94 -1.74 -16.73
CA VAL A 277 -22.10 -0.89 -17.91
C VAL A 277 -23.53 -0.33 -17.97
N GLU A 278 -23.67 0.93 -18.41
CA GLU A 278 -24.98 1.58 -18.57
C GLU A 278 -25.32 1.82 -20.05
N ASN A 279 -25.05 3.02 -20.56
CA ASN A 279 -25.21 3.31 -21.98
C ASN A 279 -23.86 3.27 -22.65
N ASP A 280 -23.33 2.05 -22.81
CA ASP A 280 -21.99 1.85 -23.34
C ASP A 280 -20.91 2.48 -22.42
N THR A 281 -21.30 2.87 -21.22
CA THR A 281 -20.43 3.56 -20.27
C THR A 281 -20.18 2.69 -19.04
N LEU A 282 -18.92 2.34 -18.79
CA LEU A 282 -18.57 1.52 -17.64
C LEU A 282 -18.43 2.39 -16.39
N LYS A 283 -19.12 2.00 -15.32
CA LYS A 283 -19.12 2.73 -14.05
C LYS A 283 -18.44 1.89 -12.97
N VAL A 284 -17.26 2.33 -12.54
CA VAL A 284 -16.44 1.55 -11.62
C VAL A 284 -16.41 2.26 -10.28
N TYR A 285 -16.74 1.53 -9.21
CA TYR A 285 -16.69 2.08 -7.84
C TYR A 285 -15.27 2.06 -7.29
N CYS A 286 -14.38 2.78 -7.97
CA CYS A 286 -12.97 2.88 -7.61
C CYS A 286 -12.66 4.13 -6.78
N ASN A 287 -13.68 4.79 -6.26
CA ASN A 287 -13.49 5.97 -5.42
C ASN A 287 -14.17 5.76 -4.09
N GLY A 288 -13.59 6.30 -3.02
CA GLY A 288 -14.24 6.25 -1.72
C GLY A 288 -13.51 7.08 -0.68
N ASP A 289 -14.18 7.34 0.44
CA ASP A 289 -13.53 7.96 1.58
C ASP A 289 -14.07 7.41 2.89
N ILE A 290 -13.31 7.62 3.96
CA ILE A 290 -13.66 7.10 5.27
C ILE A 290 -13.35 8.16 6.32
N VAL A 291 -14.32 8.41 7.20
CA VAL A 291 -14.08 9.13 8.44
C VAL A 291 -14.26 8.14 9.58
N TYR A 292 -13.25 8.08 10.44
CA TYR A 292 -13.28 7.15 11.57
C TYR A 292 -12.49 7.72 12.73
N LYS A 293 -12.81 7.22 13.93
CA LYS A 293 -12.04 7.56 15.11
C LYS A 293 -11.10 6.41 15.43
N ILE A 294 -9.83 6.75 15.67
CA ILE A 294 -8.83 5.80 16.09
C ILE A 294 -8.26 6.30 17.42
N LYS A 295 -8.57 5.56 18.49
CA LYS A 295 -8.22 5.95 19.86
C LYS A 295 -8.61 7.40 20.14
N GLY A 296 -9.84 7.75 19.79
CA GLY A 296 -10.39 9.07 20.09
C GLY A 296 -10.08 10.14 19.05
N VAL A 297 -9.15 9.85 18.13
CA VAL A 297 -8.70 10.81 17.12
C VAL A 297 -9.48 10.60 15.83
N THR A 298 -10.13 11.65 15.34
CA THR A 298 -10.87 11.56 14.09
C THR A 298 -9.91 11.67 12.90
N ALA A 299 -9.89 10.62 12.07
CA ALA A 299 -9.10 10.59 10.87
C ALA A 299 -10.01 10.56 9.65
N LYS A 300 -9.54 11.10 8.54
CA LYS A 300 -10.29 11.06 7.28
C LYS A 300 -9.33 10.62 6.18
N VAL A 301 -9.70 9.57 5.45
CA VAL A 301 -8.93 9.16 4.29
C VAL A 301 -9.79 9.10 3.05
N SER A 302 -9.19 9.42 1.91
CA SER A 302 -9.92 9.54 0.67
C SER A 302 -9.07 9.14 -0.55
N VAL A 303 -9.69 8.47 -1.51
CA VAL A 303 -9.02 8.04 -2.72
C VAL A 303 -9.92 8.26 -3.93
N ILE A 304 -9.38 8.94 -4.93
CA ILE A 304 -10.04 9.11 -6.21
C ILE A 304 -9.17 8.50 -7.32
N TRP A 305 -9.80 7.75 -8.22
CA TRP A 305 -9.16 7.22 -9.40
C TRP A 305 -9.80 7.86 -10.63
N ASN A 306 -9.08 8.77 -11.26
CA ASN A 306 -9.50 9.29 -12.55
C ASN A 306 -8.86 8.48 -13.66
N TYR A 307 -9.29 8.69 -14.90
CA TYR A 307 -8.78 7.92 -16.01
C TYR A 307 -7.33 8.28 -16.30
N THR A 308 -7.09 9.55 -16.62
CA THR A 308 -5.74 9.98 -16.92
C THR A 308 -5.64 11.48 -16.65
N PHE A 309 -4.40 11.96 -16.51
CA PHE A 309 -4.15 13.36 -16.19
C PHE A 309 -3.78 14.16 -17.44
N PRO A 310 -4.14 15.45 -17.47
CA PRO A 310 -3.67 16.30 -18.57
C PRO A 310 -2.14 16.36 -18.58
N LYS A 311 -1.54 16.52 -19.76
CA LYS A 311 -0.08 16.66 -19.86
C LYS A 311 0.37 17.75 -18.89
N GLY A 312 1.55 17.55 -18.29
CA GLY A 312 2.00 18.44 -17.21
C GLY A 312 1.12 18.30 -15.98
N GLY A 313 0.65 17.07 -15.74
CA GLY A 313 -0.20 16.76 -14.61
C GLY A 313 0.36 15.55 -13.91
N GLY A 314 -0.45 14.91 -13.08
CA GLY A 314 -0.01 13.71 -12.37
C GLY A 314 -0.84 13.37 -11.15
N ASP A 315 -0.40 12.33 -10.43
CA ASP A 315 -1.05 11.90 -9.21
C ASP A 315 -0.81 12.93 -8.12
N THR A 316 -1.88 13.28 -7.40
CA THR A 316 -1.78 14.28 -6.34
C THR A 316 -2.00 13.67 -4.95
N HIS A 317 -1.50 14.37 -3.94
CA HIS A 317 -1.73 13.98 -2.54
C HIS A 317 -1.62 15.17 -1.62
N PHE A 318 -2.56 15.27 -0.69
CA PHE A 318 -2.58 16.30 0.35
CA PHE A 318 -2.54 16.29 0.33
C PHE A 318 -2.92 15.65 1.67
N SER A 319 -2.20 16.02 2.72
CA SER A 319 -2.48 15.50 4.05
C SER A 319 -2.16 16.50 5.14
N VAL A 320 -2.86 16.37 6.26
CA VAL A 320 -2.61 17.18 7.44
C VAL A 320 -2.67 16.27 8.66
N MSE A 321 -1.77 16.49 9.61
CA MSE A 321 -1.92 15.90 10.93
C MSE A 321 -1.72 17.03 11.91
O MSE A 321 -0.69 17.70 11.91
CB MSE A 321 -1.04 14.66 11.17
CG MSE A 321 0.43 14.78 10.84
SE MSE A 321 1.28 13.01 11.13
CE MSE A 321 1.18 12.97 13.09
N LYS A 322 -2.74 17.25 12.73
CA LYS A 322 -2.83 18.45 13.54
C LYS A 322 -2.37 18.18 14.96
N GLY A 323 -1.32 18.90 15.37
CA GLY A 323 -0.80 18.82 16.73
C GLY A 323 -1.15 20.11 17.46
N SER A 324 -1.08 20.08 18.79
CA SER A 324 -1.42 21.24 19.61
C SER A 324 -0.52 22.46 19.34
N LYS A 325 0.69 22.22 18.84
CA LYS A 325 1.61 23.31 18.46
C LYS A 325 1.63 23.59 16.96
N ALA A 326 1.49 22.55 16.15
CA ALA A 326 1.66 22.71 14.71
C ALA A 326 0.96 21.64 13.89
N ASP A 327 0.58 22.04 12.68
CA ASP A 327 0.12 21.13 11.64
C ASP A 327 1.32 20.70 10.78
N LEU A 328 1.44 19.38 10.57
CA LEU A 328 2.40 18.84 9.61
C LEU A 328 1.66 18.54 8.31
N VAL A 329 2.12 19.11 7.21
CA VAL A 329 1.35 19.15 5.96
C VAL A 329 2.18 18.63 4.81
N ILE A 330 1.60 17.69 4.06
CA ILE A 330 2.17 17.25 2.80
C ILE A 330 1.39 17.90 1.67
N ARG A 331 2.11 18.49 0.73
CA ARG A 331 1.53 18.92 -0.54
C ARG A 331 2.23 18.18 -1.66
N GLN A 332 1.42 17.70 -2.60
CA GLN A 332 1.92 17.03 -3.80
C GLN A 332 0.99 17.35 -4.96
N GLY A 333 1.19 18.52 -5.55
CA GLY A 333 0.38 18.99 -6.65
C GLY A 333 1.26 19.59 -7.72
N LYS A 334 0.64 20.36 -8.62
CA LYS A 334 1.35 21.03 -9.73
C LYS A 334 2.50 21.87 -9.18
N GLU A 335 2.19 22.68 -8.17
CA GLU A 335 3.16 23.51 -7.46
C GLU A 335 4.46 22.78 -7.09
N GLN A 336 4.34 21.52 -6.66
CA GLN A 336 5.49 20.75 -6.19
C GLN A 336 6.00 19.79 -7.25
N ASN A 337 5.55 19.96 -8.50
CA ASN A 337 5.93 19.07 -9.59
C ASN A 337 5.52 17.61 -9.30
N TYR A 338 4.39 17.46 -8.60
CA TYR A 338 3.84 16.16 -8.22
C TYR A 338 4.82 15.27 -7.45
N GLN A 339 5.72 15.92 -6.71
CA GLN A 339 6.64 15.27 -5.78
C GLN A 339 6.28 15.75 -4.38
N PRO A 340 6.07 14.83 -3.43
CA PRO A 340 5.61 15.24 -2.09
C PRO A 340 6.60 16.15 -1.36
N GLU A 341 6.09 17.23 -0.76
CA GLU A 341 6.88 18.14 0.04
C GLU A 341 6.20 18.30 1.39
N LEU A 342 7.00 18.36 2.44
CA LEU A 342 6.51 18.44 3.82
C LEU A 342 6.65 19.84 4.37
N PHE A 343 5.62 20.30 5.10
CA PHE A 343 5.62 21.61 5.75
C PHE A 343 5.25 21.53 7.23
N VAL A 344 5.86 22.42 8.02
CA VAL A 344 5.50 22.63 9.42
C VAL A 344 4.79 23.98 9.54
N GLU A 345 3.56 23.96 10.04
CA GLU A 345 2.75 25.16 10.13
C GLU A 345 2.32 25.38 11.57
N ALA A 346 2.81 26.44 12.19
CA ALA A 346 2.46 26.71 13.58
C ALA A 346 0.98 27.02 13.68
N VAL A 347 0.39 26.63 14.80
CA VAL A 347 -1.01 26.95 15.10
C VAL A 347 -1.09 28.44 15.42
N LYS A 348 -2.18 29.09 15.00
CA LYS A 348 -2.39 30.51 15.29
C LYS A 348 -2.45 30.79 16.79
N GLY A 349 -1.91 31.94 17.20
CA GLY A 349 -1.91 32.36 18.60
C GLY A 349 -0.60 32.11 19.35
N VAL A 350 0.22 31.20 18.84
CA VAL A 350 1.45 30.78 19.53
C VAL A 350 2.54 31.86 19.51
N ASP A 351 3.46 31.76 20.46
CA ASP A 351 4.65 32.62 20.49
C ASP A 351 5.61 32.18 19.40
N LEU A 352 5.57 32.88 18.27
CA LEU A 352 6.23 32.45 17.04
C LEU A 352 7.77 32.60 17.10
N ALA A 353 8.22 33.56 17.90
CA ALA A 353 9.65 33.77 18.12
C ALA A 353 10.26 32.60 18.91
N ALA A 354 9.62 32.24 20.01
CA ALA A 354 10.07 31.15 20.87
C ALA A 354 9.90 29.78 20.20
N TYR A 355 8.86 29.64 19.39
CA TYR A 355 8.63 28.40 18.65
C TYR A 355 9.77 28.16 17.65
N GLU A 356 10.22 29.21 16.98
CA GLU A 356 11.28 29.08 15.99
C GLU A 356 12.61 28.60 16.59
N LYS A 357 12.85 28.93 17.85
CA LYS A 357 14.04 28.49 18.57
C LYS A 357 13.95 27.02 18.98
N ASP A 358 12.77 26.59 19.40
CA ASP A 358 12.51 25.17 19.68
C ASP A 358 12.65 24.37 18.40
N LEU A 359 12.18 24.95 17.31
CA LEU A 359 12.25 24.36 15.99
C LEU A 359 13.71 24.06 15.62
N THR A 360 14.55 25.08 15.64
CA THR A 360 15.96 24.93 15.24
C THR A 360 16.71 23.97 16.19
N ALA A 361 16.39 24.03 17.48
CA ALA A 361 16.94 23.07 18.45
C ALA A 361 16.53 21.62 18.11
N SER A 362 15.27 21.43 17.72
CA SER A 362 14.76 20.10 17.35
C SER A 362 15.35 19.57 16.05
N MSE A 363 15.62 20.47 15.10
CA MSE A 363 16.11 20.05 13.78
C MSE A 363 17.51 19.51 13.86
O MSE A 363 17.91 18.71 13.00
CB MSE A 363 16.06 21.20 12.78
CG MSE A 363 14.64 21.47 12.27
SE MSE A 363 13.76 19.87 11.51
CE MSE A 363 14.96 19.57 9.98
N GLU A 364 18.28 19.91 14.87
CA GLU A 364 19.58 19.29 15.11
C GLU A 364 19.43 17.77 15.27
N LYS A 365 18.49 17.37 16.11
CA LYS A 365 18.17 15.95 16.32
C LYS A 365 17.71 15.28 15.01
N VAL A 366 16.88 15.97 14.24
CA VAL A 366 16.34 15.44 12.97
C VAL A 366 17.42 15.29 11.89
N SER A 367 18.34 16.24 11.84
CA SER A 367 19.47 16.20 10.90
C SER A 367 20.40 15.03 11.18
N ALA A 368 20.54 14.67 12.46
CA ALA A 368 21.29 13.48 12.83
C ALA A 368 20.67 12.24 12.20
N GLU A 369 19.35 12.12 12.34
CA GLU A 369 18.61 10.98 11.77
C GLU A 369 18.69 11.00 10.25
N TYR A 370 18.46 12.18 9.64
CA TYR A 370 18.40 12.31 8.18
C TYR A 370 19.31 13.44 7.73
N PRO A 371 20.60 13.15 7.56
CA PRO A 371 21.60 14.15 7.15
C PRO A 371 21.15 14.95 5.93
N GLY A 372 21.50 16.23 5.90
CA GLY A 372 21.13 17.13 4.81
C GLY A 372 19.77 17.80 5.00
N VAL A 373 18.89 17.19 5.80
CA VAL A 373 17.54 17.69 5.97
C VAL A 373 17.56 18.95 6.83
N ALA A 374 17.07 20.06 6.26
CA ALA A 374 17.01 21.35 6.94
C ALA A 374 15.64 21.99 6.76
N LEU A 375 15.45 23.16 7.36
CA LEU A 375 14.19 23.89 7.28
C LEU A 375 14.36 25.22 6.55
N ASN A 376 13.33 25.58 5.78
CA ASN A 376 13.28 26.84 5.05
C ASN A 376 12.00 27.55 5.44
N LYS A 377 12.12 28.74 6.04
CA LYS A 377 10.96 29.56 6.31
C LYS A 377 10.40 29.97 4.96
N VAL A 378 9.11 29.75 4.75
CA VAL A 378 8.46 30.08 3.46
C VAL A 378 7.24 30.98 3.66
N GLY A 379 7.17 31.60 4.84
CA GLY A 379 5.99 32.36 5.27
C GLY A 379 5.97 32.32 6.77
N ASP A 380 5.47 33.37 7.42
CA ASP A 380 5.55 33.43 8.88
C ASP A 380 4.67 32.35 9.51
N GLY A 381 5.28 31.53 10.36
CA GLY A 381 4.61 30.37 10.94
C GLY A 381 4.53 29.16 10.01
N VAL A 382 5.25 29.19 8.89
CA VAL A 382 5.24 28.09 7.91
C VAL A 382 6.65 27.79 7.39
N TRP A 383 7.14 26.57 7.69
CA TRP A 383 8.47 26.12 7.27
C TRP A 383 8.37 24.88 6.38
N GLN A 384 9.04 24.92 5.24
CA GLN A 384 9.20 23.73 4.41
C GLN A 384 10.39 22.91 4.88
N VAL A 385 10.23 21.60 4.92
CA VAL A 385 11.33 20.69 5.24
C VAL A 385 12.11 20.37 3.97
N GLU A 386 13.28 20.98 3.84
CA GLU A 386 14.15 20.77 2.70
C GLU A 386 14.72 19.34 2.76
N ILE A 387 14.46 18.55 1.73
CA ILE A 387 14.89 17.15 1.68
C ILE A 387 15.82 16.96 0.49
N PRO A 388 17.07 16.53 0.75
CA PRO A 388 18.01 16.20 -0.33
C PRO A 388 17.45 15.20 -1.36
N ALA A 389 17.82 15.39 -2.62
CA ALA A 389 17.34 14.56 -3.73
C ALA A 389 17.67 13.08 -3.55
N LYS A 390 18.76 12.78 -2.83
CA LYS A 390 19.18 11.38 -2.62
C LYS A 390 18.13 10.54 -1.89
N TYR A 391 17.31 11.17 -1.06
CA TYR A 391 16.23 10.46 -0.35
C TYR A 391 15.03 10.09 -1.24
N ARG A 392 14.97 10.65 -2.45
CA ARG A 392 13.87 10.35 -3.38
C ARG A 392 14.16 9.05 -4.12
N VAL A 393 14.20 7.96 -3.37
CA VAL A 393 14.64 6.67 -3.91
C VAL A 393 13.62 5.99 -4.81
N GLY A 394 12.35 6.41 -4.73
CA GLY A 394 11.32 5.90 -5.64
C GLY A 394 10.60 4.66 -5.16
N HIS A 395 9.50 4.33 -5.85
CA HIS A 395 8.62 3.24 -5.44
C HIS A 395 9.27 1.85 -5.35
N GLU A 396 10.04 1.47 -6.36
CA GLU A 396 10.63 0.15 -6.41
C GLU A 396 11.60 -0.07 -5.25
N ALA A 397 12.39 0.96 -4.92
CA ALA A 397 13.27 0.92 -3.75
C ALA A 397 12.44 0.78 -2.46
N HIS A 398 11.30 1.45 -2.40
CA HIS A 398 10.41 1.31 -1.23
C HIS A 398 9.90 -0.12 -1.11
N PHE A 399 9.60 -0.73 -2.24
CA PHE A 399 9.08 -2.11 -2.29
C PHE A 399 10.17 -3.10 -1.88
N GLY A 400 11.40 -2.88 -2.37
CA GLY A 400 12.55 -3.70 -2.02
C GLY A 400 12.86 -3.69 -0.53
N GLN A 401 12.68 -2.53 0.10
CA GLN A 401 12.92 -2.42 1.54
C GLN A 401 11.95 -3.30 2.33
N VAL A 402 10.69 -3.33 1.89
CA VAL A 402 9.69 -4.18 2.53
C VAL A 402 10.05 -5.65 2.37
N THR A 403 10.44 -6.04 1.16
CA THR A 403 10.82 -7.43 0.89
C THR A 403 11.99 -7.87 1.77
N GLU A 404 13.01 -7.01 1.86
CA GLU A 404 14.17 -7.22 2.73
C GLU A 404 13.76 -7.34 4.20
N HIS A 405 12.86 -6.46 4.64
CA HIS A 405 12.34 -6.51 6.00
C HIS A 405 11.67 -7.86 6.24
N PHE A 406 10.89 -8.33 5.26
CA PHE A 406 10.20 -9.62 5.35
C PHE A 406 11.20 -10.78 5.40
N LEU A 407 12.19 -10.76 4.53
CA LEU A 407 13.22 -11.81 4.53
C LEU A 407 14.05 -11.86 5.82
N ASP A 408 14.27 -10.71 6.45
CA ASP A 408 14.91 -10.66 7.77
C ASP A 408 14.03 -11.32 8.81
N TYR A 409 12.77 -10.90 8.86
CA TYR A 409 11.90 -11.35 9.92
C TYR A 409 11.52 -12.82 9.81
N LEU A 410 11.69 -13.40 8.63
CA LEU A 410 11.60 -14.87 8.50
C LEU A 410 12.60 -15.57 9.42
N LYS A 411 13.80 -14.99 9.56
CA LYS A 411 14.85 -15.59 10.40
C LYS A 411 14.37 -15.83 11.83
N GLU A 412 13.76 -14.80 12.40
CA GLU A 412 13.27 -14.84 13.78
C GLU A 412 11.97 -15.61 13.86
N GLY A 413 11.24 -15.66 12.74
CA GLY A 413 9.97 -16.38 12.68
C GLY A 413 8.78 -15.54 13.13
N LYS A 414 9.07 -14.39 13.73
CA LYS A 414 8.06 -13.56 14.35
C LYS A 414 8.25 -12.10 13.95
N LEU A 415 7.14 -11.44 13.59
CA LEU A 415 7.13 -10.00 13.37
C LEU A 415 7.09 -9.25 14.71
N PRO A 416 7.42 -7.95 14.71
CA PRO A 416 7.24 -7.17 15.92
C PRO A 416 5.78 -7.11 16.41
N ASP A 417 5.62 -6.95 17.72
CA ASP A 417 4.33 -6.95 18.42
C ASP A 417 3.16 -6.36 17.67
N TRP A 418 3.35 -5.14 17.19
CA TRP A 418 2.24 -4.33 16.69
C TRP A 418 1.74 -4.72 15.30
N GLU A 419 2.54 -5.46 14.54
CA GLU A 419 2.26 -5.67 13.11
C GLU A 419 0.96 -6.43 12.79
N VAL A 420 0.76 -7.59 13.38
CA VAL A 420 -0.44 -8.38 13.10
C VAL A 420 -1.69 -7.68 13.61
N PRO A 421 -1.72 -7.30 14.89
CA PRO A 421 -2.93 -6.60 15.34
C PRO A 421 -3.24 -5.34 14.52
N ASN A 422 -2.22 -4.60 14.09
CA ASN A 422 -2.43 -3.38 13.31
C ASN A 422 -2.80 -3.61 11.85
N MSE A 423 -2.35 -4.71 11.26
CA MSE A 423 -2.82 -5.13 9.93
C MSE A 423 -4.30 -5.43 10.04
O MSE A 423 -5.11 -4.98 9.21
CB MSE A 423 -2.06 -6.33 9.38
CG MSE A 423 -0.69 -5.94 8.86
SE MSE A 423 0.22 -7.46 7.98
CE MSE A 423 0.89 -8.43 9.55
N LEU A 424 -4.69 -6.16 11.08
CA LEU A 424 -6.11 -6.44 11.32
C LEU A 424 -6.94 -5.18 11.58
N ALA A 425 -6.41 -4.25 12.39
CA ALA A 425 -7.14 -2.99 12.65
C ALA A 425 -7.33 -2.21 11.36
N LYS A 426 -6.30 -2.26 10.51
CA LYS A 426 -6.32 -1.58 9.23
C LYS A 426 -7.43 -2.13 8.35
N TYR A 427 -7.44 -3.45 8.18
CA TYR A 427 -8.43 -4.11 7.34
C TYR A 427 -9.83 -4.09 7.94
N TYR A 428 -9.93 -4.09 9.27
CA TYR A 428 -11.22 -3.86 9.92
C TYR A 428 -11.77 -2.50 9.50
N THR A 429 -10.90 -1.48 9.53
CA THR A 429 -11.30 -0.12 9.15
C THR A 429 -11.83 -0.08 7.70
N THR A 430 -11.08 -0.64 6.76
CA THR A 430 -11.47 -0.54 5.35
C THR A 430 -12.72 -1.34 5.00
N THR A 431 -12.79 -2.59 5.45
CA THR A 431 -13.95 -3.44 5.11
C THR A 431 -15.23 -2.97 5.81
N SER A 432 -15.13 -2.45 7.03
CA SER A 432 -16.27 -1.87 7.73
C SER A 432 -16.81 -0.64 7.02
N ALA A 433 -15.92 0.16 6.44
CA ALA A 433 -16.30 1.35 5.70
C ALA A 433 -17.07 0.98 4.42
N LEU A 434 -16.67 -0.11 3.77
CA LEU A 434 -17.39 -0.57 2.59
C LEU A 434 -18.84 -0.85 2.92
N ASP A 435 -19.08 -1.54 4.03
CA ASP A 435 -20.43 -1.86 4.50
C ASP A 435 -21.25 -0.60 4.83
N MSE A 436 -20.64 0.32 5.57
CA MSE A 436 -21.28 1.59 5.91
C MSE A 436 -21.61 2.36 4.65
O MSE A 436 -22.72 2.85 4.48
CB MSE A 436 -20.34 2.41 6.80
CG MSE A 436 -20.83 3.84 7.01
SE MSE A 436 -19.87 4.64 8.53
CE MSE A 436 -20.84 3.69 9.95
N ALA A 437 -20.64 2.44 3.73
CA ALA A 437 -20.83 3.13 2.46
C ALA A 437 -21.98 2.51 1.66
N LYS A 438 -22.09 1.20 1.72
CA LYS A 438 -23.14 0.47 0.98
C LYS A 438 -24.51 0.53 1.64
N ALA A 439 -24.56 0.88 2.93
CA ALA A 439 -25.82 0.98 3.65
C ALA A 439 -26.56 2.30 3.39
N LYS A 440 -25.86 3.27 2.80
CA LYS A 440 -26.47 4.54 2.41
C LYS A 440 -27.28 4.43 1.11
N THR A 441 -27.00 3.41 0.30
CA THR A 441 -27.55 3.30 -1.06
C THR A 441 -29.08 3.18 -1.06
#